data_2HY6
#
_entry.id   2HY6
#
_cell.length_a   31.487
_cell.length_b   35.302
_cell.length_c   48.985
_cell.angle_alpha   86.54
_cell.angle_beta   104.28
_cell.angle_gamma   99.95
#
_symmetry.space_group_name_H-M   'P 1'
#
loop_
_entity.id
_entity.type
_entity.pdbx_description
1 polymer 'General control protein GCN4'
2 non-polymer HEXANE-1,6-DIOL
3 water water
#
_entity_poly.entity_id   1
_entity_poly.type   'polypeptide(L)'
_entity_poly.pdbx_seq_one_letter_code
;MKVKQLADAVEELASANYHLANAVARLAKAVGER
;
_entity_poly.pdbx_strand_id   A,B,C,D,E,F,G
#
# COMPACT_ATOMS: atom_id res chain seq x y z
N VAL A 3 -4.56 -5.87 -27.67
CA VAL A 3 -5.45 -5.77 -26.46
C VAL A 3 -5.21 -6.92 -25.47
N LYS A 4 -4.81 -8.08 -25.99
CA LYS A 4 -4.53 -9.27 -25.17
C LYS A 4 -3.42 -9.02 -24.17
N GLN A 5 -2.31 -8.44 -24.63
CA GLN A 5 -1.18 -8.09 -23.77
C GLN A 5 -1.66 -7.30 -22.54
N LEU A 6 -2.54 -6.33 -22.76
CA LEU A 6 -3.02 -5.49 -21.66
C LEU A 6 -3.97 -6.22 -20.71
N ALA A 7 -4.91 -6.99 -21.26
CA ALA A 7 -5.81 -7.79 -20.44
C ALA A 7 -5.04 -8.78 -19.56
N ASP A 8 -4.00 -9.41 -20.13
CA ASP A 8 -3.12 -10.32 -19.38
C ASP A 8 -2.42 -9.59 -18.25
N ALA A 9 -1.92 -8.40 -18.55
CA ALA A 9 -1.23 -7.57 -17.53
C ALA A 9 -2.17 -7.19 -16.37
N VAL A 10 -3.40 -6.81 -16.71
CA VAL A 10 -4.41 -6.46 -15.72
C VAL A 10 -4.75 -7.67 -14.84
N GLU A 11 -4.82 -8.86 -15.44
CA GLU A 11 -5.03 -10.07 -14.66
C GLU A 11 -3.89 -10.34 -13.69
N GLU A 12 -2.65 -10.10 -14.13
CA GLU A 12 -1.50 -10.25 -13.24
C GLU A 12 -1.56 -9.28 -12.06
N LEU A 13 -2.00 -8.05 -12.32
CA LEU A 13 -2.14 -7.04 -11.29
C LEU A 13 -3.24 -7.43 -10.30
N ALA A 14 -4.37 -7.93 -10.81
CA ALA A 14 -5.44 -8.38 -9.92
C ALA A 14 -4.93 -9.50 -8.99
N SER A 15 -4.20 -10.45 -9.56
CA SER A 15 -3.67 -11.56 -8.79
C SER A 15 -2.68 -11.07 -7.74
N ALA A 16 -1.81 -10.13 -8.13
CA ALA A 16 -0.85 -9.56 -7.18
C ALA A 16 -1.59 -8.86 -6.05
N ASN A 17 -2.65 -8.12 -6.38
CA ASN A 17 -3.38 -7.36 -5.35
C ASN A 17 -4.15 -8.26 -4.42
N TYR A 18 -4.67 -9.37 -4.92
CA TYR A 18 -5.28 -10.36 -4.04
C TYR A 18 -4.25 -10.94 -3.06
N HIS A 19 -3.05 -11.24 -3.58
CA HIS A 19 -1.95 -11.73 -2.72
C HIS A 19 -1.60 -10.70 -1.67
N LEU A 20 -1.57 -9.44 -2.08
CA LEU A 20 -1.28 -8.36 -1.15
C LEU A 20 -2.38 -8.24 -0.09
N ALA A 21 -3.64 -8.33 -0.50
CA ALA A 21 -4.73 -8.26 0.45
C ALA A 21 -4.64 -9.39 1.46
N ASN A 22 -4.34 -10.60 0.98
CA ASN A 22 -4.17 -11.77 1.85
C ASN A 22 -3.05 -11.52 2.89
N ALA A 23 -1.91 -10.99 2.42
CA ALA A 23 -0.79 -10.71 3.30
C ALA A 23 -1.14 -9.66 4.34
N VAL A 24 -1.82 -8.60 3.95
CA VAL A 24 -2.19 -7.55 4.92
C VAL A 24 -3.17 -8.12 5.95
N ALA A 25 -4.11 -8.96 5.51
CA ALA A 25 -5.01 -9.62 6.45
C ALA A 25 -4.26 -10.45 7.48
N ARG A 26 -3.23 -11.18 7.02
CA ARG A 26 -2.39 -11.94 7.96
C ARG A 26 -1.65 -11.02 8.93
N LEU A 27 -1.18 -9.88 8.43
CA LEU A 27 -0.55 -8.90 9.32
C LEU A 27 -1.53 -8.36 10.35
N ALA A 28 -2.77 -8.09 9.93
CA ALA A 28 -3.76 -7.59 10.86
C ALA A 28 -4.04 -8.60 11.98
N LYS A 29 -4.11 -9.88 11.62
CA LYS A 29 -4.35 -10.93 12.58
C LYS A 29 -3.17 -11.01 13.55
N ALA A 30 -1.95 -10.90 13.02
CA ALA A 30 -0.75 -10.92 13.86
C ALA A 30 -0.65 -9.76 14.86
N VAL A 31 -0.92 -8.55 14.38
CA VAL A 31 -0.90 -7.36 15.21
C VAL A 31 -2.04 -7.43 16.23
N GLY A 32 -3.17 -7.96 15.79
CA GLY A 32 -4.35 -8.10 16.67
C GLY A 32 -4.22 -9.16 17.75
N GLU A 33 -3.27 -10.08 17.56
CA GLU A 33 -2.96 -11.12 18.55
C GLU A 33 -1.81 -10.67 19.47
N VAL B 3 -1.94 -1.40 -25.54
CA VAL B 3 -0.64 -1.03 -26.19
C VAL B 3 0.55 -1.48 -25.32
N LYS B 4 1.68 -1.76 -25.96
CA LYS B 4 2.80 -2.49 -25.34
C LYS B 4 3.42 -1.81 -24.13
N GLN B 5 3.73 -0.52 -24.24
CA GLN B 5 4.34 0.23 -23.13
C GLN B 5 3.44 0.20 -21.90
N LEU B 6 2.13 0.41 -22.10
CA LEU B 6 1.21 0.41 -20.97
C LEU B 6 1.09 -0.99 -20.36
N ALA B 7 0.97 -2.01 -21.20
CA ALA B 7 0.90 -3.39 -20.68
C ALA B 7 2.16 -3.76 -19.90
N ASP B 8 3.33 -3.41 -20.46
CA ASP B 8 4.60 -3.65 -19.78
C ASP B 8 4.62 -2.96 -18.42
N ALA B 9 4.09 -1.73 -18.36
CA ALA B 9 4.06 -0.95 -17.13
C ALA B 9 3.15 -1.60 -16.07
N VAL B 10 1.97 -2.03 -16.50
CA VAL B 10 1.05 -2.72 -15.61
C VAL B 10 1.64 -4.03 -15.09
N GLU B 11 2.32 -4.77 -15.95
CA GLU B 11 3.03 -5.99 -15.57
C GLU B 11 4.10 -5.68 -14.52
N GLU B 12 4.81 -4.57 -14.68
CA GLU B 12 5.83 -4.21 -13.71
C GLU B 12 5.19 -3.84 -12.38
N LEU B 13 4.06 -3.14 -12.40
CA LEU B 13 3.32 -2.84 -11.18
C LEU B 13 2.85 -4.14 -10.49
N ALA B 14 2.36 -5.10 -11.25
CA ALA B 14 2.00 -6.41 -10.67
C ALA B 14 3.19 -7.07 -9.99
N SER B 15 4.34 -7.06 -10.66
CA SER B 15 5.57 -7.62 -10.05
C SER B 15 5.94 -6.93 -8.73
N ALA B 16 5.85 -5.62 -8.72
CA ALA B 16 6.18 -4.86 -7.53
C ALA B 16 5.21 -5.20 -6.42
N ASN B 17 3.92 -5.28 -6.72
CA ASN B 17 2.92 -5.52 -5.71
C ASN B 17 3.01 -6.93 -5.14
N TYR B 18 3.44 -7.88 -5.98
CA TYR B 18 3.65 -9.24 -5.52
C TYR B 18 4.84 -9.32 -4.59
N HIS B 19 5.92 -8.63 -4.93
CA HIS B 19 7.07 -8.51 -4.04
C HIS B 19 6.70 -7.87 -2.71
N LEU B 20 5.88 -6.84 -2.77
CA LEU B 20 5.35 -6.19 -1.57
C LEU B 20 4.50 -7.16 -0.73
N ALA B 21 3.62 -7.91 -1.37
CA ALA B 21 2.81 -8.90 -0.68
C ALA B 21 3.70 -9.91 0.07
N ASN B 22 4.74 -10.40 -0.59
CA ASN B 22 5.66 -11.33 0.06
C ASN B 22 6.29 -10.74 1.31
N ALA B 23 6.73 -9.48 1.22
CA ALA B 23 7.39 -8.82 2.33
C ALA B 23 6.38 -8.61 3.46
N VAL B 24 5.14 -8.22 3.15
CA VAL B 24 4.13 -8.04 4.19
C VAL B 24 3.84 -9.38 4.90
N ALA B 25 3.73 -10.46 4.12
CA ALA B 25 3.49 -11.77 4.70
C ALA B 25 4.65 -12.19 5.63
N ARG B 26 5.88 -11.87 5.24
CA ARG B 26 7.01 -12.16 6.13
C ARG B 26 7.00 -11.30 7.40
N LEU B 27 6.53 -10.05 7.28
CA LEU B 27 6.40 -9.19 8.45
C LEU B 27 5.34 -9.76 9.41
N ALA B 28 4.24 -10.25 8.85
CA ALA B 28 3.19 -10.90 9.67
C ALA B 28 3.74 -12.09 10.44
N LYS B 29 4.51 -12.95 9.76
CA LYS B 29 5.17 -14.07 10.44
C LYS B 29 6.11 -13.60 11.57
N ALA B 30 6.90 -12.55 11.29
CA ALA B 30 7.84 -12.00 12.27
C ALA B 30 7.11 -11.47 13.50
N VAL B 31 6.01 -10.74 13.28
CA VAL B 31 5.20 -10.20 14.36
C VAL B 31 4.56 -11.32 15.19
N GLY B 32 4.11 -12.37 14.51
CA GLY B 32 3.36 -13.46 15.13
C GLY B 32 4.18 -14.45 15.92
N GLU B 33 5.50 -14.44 15.73
CA GLU B 33 6.36 -15.38 16.45
C GLU B 33 7.34 -14.67 17.39
N VAL C 3 -1.31 7.41 -24.45
CA VAL C 3 -1.12 6.35 -23.40
C VAL C 3 0.32 6.29 -22.85
N LYS C 4 1.26 6.91 -23.57
CA LYS C 4 2.68 6.92 -23.15
C LYS C 4 2.84 7.52 -21.76
N GLN C 5 2.23 8.67 -21.54
CA GLN C 5 2.42 9.35 -20.25
C GLN C 5 1.79 8.56 -19.09
N LEU C 6 0.67 7.92 -19.34
CA LEU C 6 0.08 7.05 -18.35
C LEU C 6 1.00 5.86 -18.06
N ALA C 7 1.56 5.25 -19.10
CA ALA C 7 2.50 4.14 -18.90
C ALA C 7 3.71 4.58 -18.07
N ASP C 8 4.25 5.75 -18.39
CA ASP C 8 5.38 6.28 -17.61
C ASP C 8 5.03 6.52 -16.14
N ALA C 9 3.83 7.02 -15.87
CA ALA C 9 3.36 7.20 -14.47
C ALA C 9 3.21 5.86 -13.75
N VAL C 10 2.67 4.88 -14.46
CA VAL C 10 2.51 3.54 -13.87
C VAL C 10 3.87 2.92 -13.57
N GLU C 11 4.86 3.14 -14.43
CA GLU C 11 6.21 2.64 -14.17
C GLU C 11 6.80 3.30 -12.92
N GLU C 12 6.52 4.59 -12.70
CA GLU C 12 6.96 5.23 -11.46
C GLU C 12 6.26 4.64 -10.26
N LEU C 13 4.97 4.34 -10.36
CA LEU C 13 4.27 3.71 -9.25
C LEU C 13 4.85 2.34 -8.96
N ALA C 14 5.16 1.56 -9.99
CA ALA C 14 5.78 0.25 -9.80
C ALA C 14 7.11 0.39 -9.05
N SER C 15 7.93 1.36 -9.44
CA SER C 15 9.19 1.60 -8.78
C SER C 15 8.98 1.98 -7.32
N ALA C 16 8.04 2.87 -7.05
CA ALA C 16 7.72 3.25 -5.66
C ALA C 16 7.30 2.06 -4.83
N ASN C 17 6.48 1.17 -5.42
CA ASN C 17 5.97 0.03 -4.66
C ASN C 17 7.04 -1.03 -4.47
N TYR C 18 8.00 -1.12 -5.40
CA TYR C 18 9.21 -1.93 -5.16
C TYR C 18 10.02 -1.40 -4.00
N HIS C 19 10.22 -0.08 -3.96
CA HIS C 19 10.91 0.52 -2.83
C HIS C 19 10.14 0.27 -1.53
N LEU C 20 8.81 0.37 -1.58
CA LEU C 20 8.00 0.06 -0.42
C LEU C 20 8.21 -1.39 0.02
N ALA C 21 8.22 -2.31 -0.94
CA ALA C 21 8.45 -3.72 -0.62
C ALA C 21 9.78 -3.93 0.08
N ASN C 22 10.81 -3.26 -0.41
CA ASN C 22 12.12 -3.42 0.17
C ASN C 22 12.19 -2.84 1.58
N ALA C 23 11.47 -1.75 1.82
CA ALA C 23 11.38 -1.17 3.16
C ALA C 23 10.61 -2.10 4.11
N VAL C 24 9.52 -2.67 3.65
CA VAL C 24 8.78 -3.61 4.51
C VAL C 24 9.64 -4.86 4.79
N ALA C 25 10.39 -5.32 3.79
CA ALA C 25 11.32 -6.44 3.98
C ALA C 25 12.35 -6.12 5.06
N ARG C 26 12.86 -4.88 5.08
CA ARG C 26 13.80 -4.46 6.12
C ARG C 26 13.14 -4.48 7.49
N LEU C 27 11.88 -4.03 7.55
CA LEU C 27 11.12 -4.07 8.81
C LEU C 27 10.90 -5.50 9.28
N ALA C 28 10.55 -6.42 8.36
CA ALA C 28 10.36 -7.82 8.70
C ALA C 28 11.63 -8.45 9.28
N LYS C 29 12.77 -8.13 8.68
CA LYS C 29 14.06 -8.61 9.18
C LYS C 29 14.33 -8.08 10.59
N ALA C 30 14.08 -6.79 10.79
CA ALA C 30 14.34 -6.15 12.09
C ALA C 30 13.43 -6.74 13.17
N VAL C 31 12.16 -6.96 12.87
CA VAL C 31 11.25 -7.54 13.83
C VAL C 31 11.60 -9.00 14.10
N GLY C 32 11.90 -9.74 13.04
CA GLY C 32 12.19 -11.18 13.12
C GLY C 32 13.46 -11.50 13.91
N GLU C 33 14.39 -10.56 13.94
CA GLU C 33 15.65 -10.69 14.69
C GLU C 33 15.57 -10.05 16.08
N VAL D 3 -7.22 11.35 -20.07
CA VAL D 3 -6.12 10.40 -19.72
C VAL D 3 -4.96 11.10 -19.04
N LYS D 4 -4.72 12.37 -19.39
CA LYS D 4 -3.67 13.16 -18.75
C LYS D 4 -3.96 13.35 -17.26
N GLN D 5 -5.23 13.59 -16.93
CA GLN D 5 -5.63 13.70 -15.52
C GLN D 5 -5.34 12.39 -14.80
N LEU D 6 -5.62 11.26 -15.45
CA LEU D 6 -5.32 9.97 -14.82
C LEU D 6 -3.82 9.75 -14.67
N ALA D 7 -3.04 10.07 -15.70
CA ALA D 7 -1.57 9.99 -15.58
C ALA D 7 -1.06 10.85 -14.45
N ASP D 8 -1.59 12.07 -14.35
CA ASP D 8 -1.18 12.98 -13.28
C ASP D 8 -1.49 12.38 -11.90
N ALA D 9 -2.66 11.78 -11.76
CA ALA D 9 -3.08 11.17 -10.50
C ALA D 9 -2.18 10.00 -10.12
N VAL D 10 -1.87 9.14 -11.09
CA VAL D 10 -0.96 8.00 -10.85
C VAL D 10 0.42 8.48 -10.45
N GLU D 11 0.91 9.54 -11.08
CA GLU D 11 2.19 10.12 -10.71
C GLU D 11 2.17 10.61 -9.27
N GLU D 12 1.06 11.25 -8.88
CA GLU D 12 0.91 11.69 -7.49
C GLU D 12 0.92 10.52 -6.50
N LEU D 13 0.26 9.42 -6.87
CA LEU D 13 0.25 8.23 -6.04
C LEU D 13 1.66 7.63 -5.94
N ALA D 14 2.40 7.65 -7.02
CA ALA D 14 3.79 7.17 -6.99
C ALA D 14 4.59 8.01 -6.02
N SER D 15 4.44 9.34 -6.10
CA SER D 15 5.15 10.20 -5.15
C SER D 15 4.77 9.88 -3.71
N ALA D 16 3.48 9.75 -3.43
CA ALA D 16 3.03 9.36 -2.09
C ALA D 16 3.66 8.06 -1.62
N ASN D 17 3.76 7.07 -2.52
CA ASN D 17 4.28 5.77 -2.14
C ASN D 17 5.79 5.77 -1.95
N TYR D 18 6.51 6.61 -2.68
CA TYR D 18 7.92 6.84 -2.36
C TYR D 18 8.11 7.41 -0.97
N HIS D 19 7.25 8.37 -0.60
CA HIS D 19 7.30 8.92 0.76
C HIS D 19 6.95 7.84 1.79
N LEU D 20 5.97 7.00 1.50
CA LEU D 20 5.63 5.93 2.43
C LEU D 20 6.78 4.93 2.56
N ALA D 21 7.44 4.58 1.46
CA ALA D 21 8.60 3.69 1.51
C ALA D 21 9.69 4.28 2.38
N ASN D 22 9.97 5.58 2.25
CA ASN D 22 11.00 6.22 3.07
C ASN D 22 10.61 6.13 4.55
N ALA D 23 9.34 6.37 4.85
CA ALA D 23 8.87 6.32 6.23
C ALA D 23 8.98 4.92 6.82
N VAL D 24 8.62 3.90 6.05
CA VAL D 24 8.74 2.51 6.52
C VAL D 24 10.21 2.14 6.72
N ALA D 25 11.10 2.63 5.86
CA ALA D 25 12.53 2.41 6.02
C ALA D 25 13.04 3.03 7.34
N ARG D 26 12.56 4.24 7.67
CA ARG D 26 12.92 4.87 8.93
C ARG D 26 12.42 4.03 10.11
N LEU D 27 11.23 3.44 9.97
CA LEU D 27 10.69 2.62 11.04
C LEU D 27 11.53 1.34 11.20
N ALA D 28 11.94 0.73 10.08
CA ALA D 28 12.81 -0.47 10.13
C ALA D 28 14.12 -0.17 10.84
N LYS D 29 14.71 0.97 10.51
CA LYS D 29 15.95 1.40 11.16
C LYS D 29 15.75 1.57 12.67
N ALA D 30 14.66 2.24 13.05
CA ALA D 30 14.36 2.51 14.48
C ALA D 30 14.15 1.21 15.29
N VAL D 31 13.44 0.26 14.67
CA VAL D 31 13.18 -1.05 15.29
C VAL D 31 14.48 -1.85 15.41
N GLY D 32 15.28 -1.84 14.34
CA GLY D 32 16.51 -2.66 14.28
C GLY D 32 17.62 -2.16 15.17
N GLU D 33 17.60 -0.85 15.44
CA GLU D 33 18.64 -0.21 16.23
C GLU D 33 18.35 -0.18 17.73
N ARG D 34 17.12 -0.49 18.13
CA ARG D 34 16.76 -0.53 19.56
C ARG D 34 17.60 -1.53 20.33
N VAL E 3 -12.57 8.40 -17.68
CA VAL E 3 -11.64 7.98 -16.59
C VAL E 3 -11.47 9.09 -15.55
N LYS E 4 -12.21 10.19 -15.70
CA LYS E 4 -12.07 11.33 -14.78
C LYS E 4 -12.37 10.94 -13.34
N GLN E 5 -13.44 10.20 -13.10
CA GLN E 5 -13.79 9.77 -11.76
C GLN E 5 -12.76 8.78 -11.17
N LEU E 6 -12.17 7.94 -12.01
CA LEU E 6 -11.08 7.08 -11.56
C LEU E 6 -9.86 7.93 -11.20
N ALA E 7 -9.57 8.94 -12.00
CA ALA E 7 -8.47 9.85 -11.67
C ALA E 7 -8.70 10.52 -10.32
N ASP E 8 -9.94 10.95 -10.07
CA ASP E 8 -10.28 11.56 -8.79
C ASP E 8 -10.05 10.60 -7.64
N ALA E 9 -10.44 9.35 -7.83
CA ALA E 9 -10.26 8.33 -6.79
C ALA E 9 -8.78 8.06 -6.53
N VAL E 10 -7.97 7.99 -7.60
CA VAL E 10 -6.52 7.78 -7.44
C VAL E 10 -5.89 8.98 -6.70
N GLU E 11 -6.35 10.19 -6.99
CA GLU E 11 -5.89 11.37 -6.24
C GLU E 11 -6.25 11.24 -4.75
N GLU E 12 -7.45 10.76 -4.45
CA GLU E 12 -7.84 10.55 -3.06
C GLU E 12 -6.94 9.54 -2.36
N LEU E 13 -6.64 8.44 -3.05
CA LEU E 13 -5.69 7.46 -2.53
C LEU E 13 -4.30 8.04 -2.31
N ALA E 14 -3.80 8.87 -3.24
CA ALA E 14 -2.49 9.49 -3.06
C ALA E 14 -2.50 10.33 -1.79
N SER E 15 -3.59 11.09 -1.58
CA SER E 15 -3.68 11.90 -0.36
C SER E 15 -3.68 11.02 0.90
N ALA E 16 -4.45 9.94 0.89
CA ALA E 16 -4.46 8.99 2.01
C ALA E 16 -3.07 8.41 2.26
N ASN E 17 -2.34 8.07 1.20
CA ASN E 17 -1.03 7.47 1.38
C ASN E 17 0.04 8.46 1.86
N TYR E 18 -0.09 9.73 1.49
CA TYR E 18 0.72 10.80 2.09
C TYR E 18 0.42 10.91 3.59
N HIS E 19 -0.86 10.88 3.97
CA HIS E 19 -1.25 10.89 5.39
C HIS E 19 -0.61 9.68 6.12
N LEU E 20 -0.67 8.51 5.49
CA LEU E 20 -0.09 7.31 6.07
C LEU E 20 1.43 7.43 6.24
N ALA E 21 2.11 7.96 5.23
CA ALA E 21 3.57 8.16 5.31
C ALA E 21 3.93 9.06 6.46
N ASN E 22 3.17 10.14 6.61
CA ASN E 22 3.40 11.06 7.72
C ASN E 22 3.24 10.37 9.08
N ALA E 23 2.21 9.56 9.22
CA ALA E 23 1.97 8.83 10.46
C ALA E 23 3.07 7.80 10.75
N VAL E 24 3.49 7.07 9.73
CA VAL E 24 4.54 6.06 9.89
C VAL E 24 5.85 6.75 10.30
N ALA E 25 6.15 7.90 9.68
CA ALA E 25 7.34 8.66 10.06
C ALA E 25 7.29 9.06 11.54
N ARG E 26 6.11 9.46 12.01
CA ARG E 26 5.95 9.83 13.43
C ARG E 26 6.13 8.61 14.31
N LEU E 27 5.66 7.44 13.90
CA LEU E 27 5.89 6.23 14.68
C LEU E 27 7.38 5.86 14.73
N ALA E 28 8.08 6.01 13.62
CA ALA E 28 9.54 5.75 13.58
C ALA E 28 10.28 6.63 14.57
N LYS E 29 9.90 7.90 14.61
CA LYS E 29 10.48 8.86 15.55
C LYS E 29 10.20 8.44 16.99
N ALA E 30 8.97 8.07 17.29
CA ALA E 30 8.59 7.67 18.65
C ALA E 30 9.35 6.44 19.11
N VAL E 31 9.49 5.46 18.22
CA VAL E 31 10.23 4.23 18.50
C VAL E 31 11.71 4.52 18.76
N GLY E 32 12.29 5.38 17.92
CA GLY E 32 13.72 5.71 17.97
C GLY E 32 14.12 6.61 19.12
N GLU E 33 13.16 7.33 19.70
CA GLU E 33 13.46 8.23 20.82
C GLU E 33 13.27 7.46 22.13
N MET F 1 -15.89 -2.05 -20.35
CA MET F 1 -15.09 -1.66 -19.15
C MET F 1 -15.94 -0.78 -18.23
N LYS F 2 -16.29 -1.31 -17.06
CA LYS F 2 -17.07 -0.56 -16.08
C LYS F 2 -16.15 0.15 -15.11
N VAL F 3 -15.66 1.32 -15.50
CA VAL F 3 -14.69 2.07 -14.69
C VAL F 3 -15.22 2.37 -13.28
N LYS F 4 -16.54 2.48 -13.13
CA LYS F 4 -17.17 2.77 -11.84
C LYS F 4 -16.78 1.78 -10.74
N GLN F 5 -16.73 0.50 -11.08
CA GLN F 5 -16.33 -0.54 -10.11
C GLN F 5 -14.93 -0.24 -9.59
N LEU F 6 -14.02 0.12 -10.49
CA LEU F 6 -12.65 0.40 -10.06
C LEU F 6 -12.54 1.68 -9.27
N ALA F 7 -13.22 2.74 -9.72
CA ALA F 7 -13.19 4.00 -8.98
C ALA F 7 -13.76 3.82 -7.57
N ASP F 8 -14.88 3.09 -7.46
CA ASP F 8 -15.46 2.81 -6.14
C ASP F 8 -14.48 2.05 -5.25
N ALA F 9 -13.81 1.05 -5.81
CA ALA F 9 -12.85 0.27 -5.03
C ALA F 9 -11.67 1.10 -4.57
N VAL F 10 -11.16 1.96 -5.44
CA VAL F 10 -10.04 2.83 -5.05
C VAL F 10 -10.48 3.82 -3.96
N GLU F 11 -11.69 4.33 -4.04
CA GLU F 11 -12.23 5.19 -2.97
C GLU F 11 -12.29 4.45 -1.65
N GLU F 12 -12.71 3.18 -1.69
CA GLU F 12 -12.74 2.37 -0.46
C GLU F 12 -11.36 2.15 0.10
N LEU F 13 -10.38 1.92 -0.79
CA LEU F 13 -8.99 1.78 -0.33
C LEU F 13 -8.46 3.07 0.28
N ALA F 14 -8.74 4.21 -0.36
CA ALA F 14 -8.33 5.49 0.22
C ALA F 14 -8.93 5.66 1.62
N SER F 15 -10.21 5.35 1.78
CA SER F 15 -10.87 5.49 3.07
C SER F 15 -10.21 4.62 4.14
N ALA F 16 -9.89 3.38 3.76
CA ALA F 16 -9.21 2.46 4.68
C ALA F 16 -7.84 2.99 5.06
N ASN F 17 -7.12 3.59 4.10
CA ASN F 17 -5.77 4.05 4.36
C ASN F 17 -5.75 5.32 5.21
N TYR F 18 -6.75 6.20 5.07
CA TYR F 18 -6.89 7.32 5.99
C TYR F 18 -7.14 6.78 7.39
N HIS F 19 -7.94 5.72 7.53
CA HIS F 19 -8.24 5.14 8.84
C HIS F 19 -6.98 4.51 9.42
N LEU F 20 -6.20 3.82 8.58
CA LEU F 20 -4.92 3.25 9.00
C LEU F 20 -3.95 4.34 9.44
N ALA F 21 -3.86 5.43 8.67
CA ALA F 21 -2.99 6.53 9.04
C ALA F 21 -3.36 7.09 10.42
N ASN F 22 -4.65 7.23 10.68
CA ASN F 22 -5.08 7.73 11.98
C ASN F 22 -4.69 6.78 13.11
N ALA F 23 -4.85 5.48 12.88
CA ALA F 23 -4.49 4.46 13.86
C ALA F 23 -2.97 4.47 14.13
N VAL F 24 -2.17 4.58 13.09
CA VAL F 24 -0.71 4.62 13.25
C VAL F 24 -0.28 5.87 14.01
N ALA F 25 -0.92 7.01 13.72
CA ALA F 25 -0.63 8.24 14.45
C ALA F 25 -0.97 8.12 15.93
N ARG F 26 -2.09 7.43 16.24
CA ARG F 26 -2.45 7.16 17.64
C ARG F 26 -1.43 6.25 18.33
N LEU F 27 -0.95 5.24 17.60
CA LEU F 27 0.13 4.38 18.13
C LEU F 27 1.40 5.17 18.39
N ALA F 28 1.77 6.06 17.47
CA ALA F 28 2.95 6.93 17.66
C ALA F 28 2.83 7.78 18.94
N LYS F 29 1.65 8.35 19.16
CA LYS F 29 1.40 9.16 20.36
C LYS F 29 1.52 8.30 21.61
N ALA F 30 0.95 7.10 21.58
CA ALA F 30 0.98 6.20 22.74
C ALA F 30 2.41 5.77 23.08
N VAL F 31 3.20 5.45 22.05
CA VAL F 31 4.60 5.03 22.24
C VAL F 31 5.45 6.18 22.81
N GLY F 32 5.21 7.39 22.30
CA GLY F 32 6.00 8.55 22.69
C GLY F 32 5.53 9.15 24.00
N VAL G 3 -12.80 -4.95 -15.93
CA VAL G 3 -12.01 -4.61 -14.72
C VAL G 3 -12.61 -5.12 -13.41
N LYS G 4 -13.61 -5.99 -13.47
CA LYS G 4 -14.30 -6.48 -12.26
C LYS G 4 -13.35 -7.21 -11.30
N GLN G 5 -12.49 -8.06 -11.87
CA GLN G 5 -11.56 -8.84 -11.07
C GLN G 5 -10.59 -7.91 -10.36
N LEU G 6 -10.03 -6.95 -11.10
CA LEU G 6 -9.13 -5.97 -10.52
C LEU G 6 -9.82 -5.16 -9.42
N ALA G 7 -11.04 -4.68 -9.69
CA ALA G 7 -11.79 -3.94 -8.68
C ALA G 7 -12.07 -4.78 -7.46
N ASP G 8 -12.38 -6.06 -7.64
CA ASP G 8 -12.62 -6.95 -6.50
C ASP G 8 -11.36 -7.12 -5.64
N ALA G 9 -10.21 -7.26 -6.29
CA ALA G 9 -8.95 -7.36 -5.55
C ALA G 9 -8.65 -6.09 -4.75
N VAL G 10 -8.91 -4.92 -5.36
CA VAL G 10 -8.71 -3.65 -4.65
C VAL G 10 -9.66 -3.53 -3.44
N GLU G 11 -10.91 -3.98 -3.63
CA GLU G 11 -11.87 -4.04 -2.52
C GLU G 11 -11.38 -4.92 -1.38
N GLU G 12 -10.78 -6.06 -1.71
CA GLU G 12 -10.22 -6.95 -0.68
C GLU G 12 -9.05 -6.30 0.02
N LEU G 13 -8.22 -5.57 -0.72
CA LEU G 13 -7.14 -4.84 -0.07
C LEU G 13 -7.68 -3.77 0.87
N ALA G 14 -8.75 -3.08 0.47
CA ALA G 14 -9.38 -2.07 1.35
C ALA G 14 -9.86 -2.73 2.63
N SER G 15 -10.54 -3.87 2.50
CA SER G 15 -10.99 -4.60 3.69
C SER G 15 -9.83 -4.97 4.59
N ALA G 16 -8.75 -5.49 4.02
CA ALA G 16 -7.60 -5.88 4.82
C ALA G 16 -6.97 -4.69 5.57
N ASN G 17 -6.85 -3.56 4.91
CA ASN G 17 -6.31 -2.38 5.56
C ASN G 17 -7.23 -1.84 6.62
N TYR G 18 -8.54 -1.97 6.47
CA TYR G 18 -9.49 -1.63 7.54
C TYR G 18 -9.21 -2.50 8.77
N HIS G 19 -9.05 -3.81 8.56
CA HIS G 19 -8.74 -4.68 9.70
C HIS G 19 -7.39 -4.36 10.32
N LEU G 20 -6.41 -4.07 9.48
CA LEU G 20 -5.10 -3.67 10.01
C LEU G 20 -5.24 -2.42 10.87
N ALA G 21 -5.98 -1.43 10.36
CA ALA G 21 -6.16 -0.17 11.11
C ALA G 21 -6.79 -0.43 12.46
N ASN G 22 -7.80 -1.27 12.51
CA ASN G 22 -8.45 -1.56 13.79
C ASN G 22 -7.52 -2.27 14.76
N ALA G 23 -6.70 -3.21 14.26
CA ALA G 23 -5.72 -3.90 15.10
C ALA G 23 -4.68 -2.93 15.66
N VAL G 24 -4.22 -1.99 14.83
CA VAL G 24 -3.25 -0.98 15.28
C VAL G 24 -3.88 -0.04 16.30
N ALA G 25 -5.14 0.33 16.11
CA ALA G 25 -5.83 1.19 17.08
C ALA G 25 -5.97 0.48 18.43
N ARG G 26 -6.30 -0.81 18.40
CA ARG G 26 -6.39 -1.57 19.66
C ARG G 26 -5.05 -1.64 20.35
N LEU G 27 -3.98 -1.81 19.57
CA LEU G 27 -2.63 -1.83 20.14
C LEU G 27 -2.27 -0.49 20.77
N ALA G 28 -2.62 0.60 20.08
CA ALA G 28 -2.37 1.94 20.63
C ALA G 28 -3.07 2.12 21.97
N LYS G 29 -4.29 1.63 22.10
CA LYS G 29 -5.02 1.73 23.34
C LYS G 29 -4.33 0.91 24.42
N ALA G 30 -3.86 -0.29 24.07
CA ALA G 30 -3.15 -1.15 25.04
C ALA G 30 -1.84 -0.53 25.53
N VAL G 31 -1.07 0.06 24.61
CA VAL G 31 0.19 0.76 24.95
C VAL G 31 -0.09 1.95 25.86
N GLY G 32 -1.17 2.69 25.57
CA GLY G 32 -1.55 3.84 26.40
C GLY G 32 -2.00 3.43 27.78
#